data_7X8L
#
_entry.id   7X8L
#
_cell.length_a   44.850
_cell.length_b   91.670
_cell.length_c   110.820
_cell.angle_alpha   90.000
_cell.angle_beta   90.000
_cell.angle_gamma   90.000
#
_symmetry.space_group_name_H-M   'P 21 21 21'
#
loop_
_entity.id
_entity.type
_entity.pdbx_description
1 polymer 'Carboxylic ester hydrolase'
2 water water
#
_entity_poly.entity_id   1
_entity_poly.type   'polypeptide(L)'
_entity_poly.pdbx_seq_one_letter_code
;PMARTRYGPVIGKVEQGALAFKGIPYGAPTSGSGRFMPPTPPQPWSTPLRAFDYGPTAPQSDPQDALESGAADARESEDC
LTLNVWTPSLNDQRKRPVMVWLHGGGLWRLSAAGDYQAGTHLAAHSDVVMVSPNHRLNVLAHAYLDEYDPAFAGSSSAGM
LDLVLALKWVRDNIEEFGGDPDNVTIFGQSGGGQKVSFLMAMPAAAGLFHKAIIQSGPAPLALEKPYARELSARLLTLLD
IPKNRVRDIQNVPLDAIMRAYYQIFEELGGFGVMGVIQDFAPVVDDVALPQHPFWNGASPLSRDVPLMIGCTRTEMTEYF
LASNPGAAKRDFAAVTAQLEPVFGMQAPAVVAHYRATHPTASPWEVDALIRSDWPTRLFTQRIADEQVKLGGAPVWMYRM
DWQTTARDGLLMSPHAIDIPFVLDTVGTEPVEPGQLAEQQRMMQQMNNAWVSFARNGNPQNKYIPPWQPYNSTSRPTMIF
NLHSHMANDPDGSDLAFLKKDLANLEVVAGGVTH
;
_entity_poly.pdbx_strand_id   A
#
# COMPACT_ATOMS: atom_id res chain seq x y z
N PRO A 1 25.31 8.48 15.57
CA PRO A 1 25.84 8.64 14.21
C PRO A 1 25.31 9.89 13.54
N MET A 2 26.19 10.74 13.01
CA MET A 2 25.78 12.00 12.38
C MET A 2 25.84 11.87 10.87
N ALA A 3 24.72 12.16 10.20
CA ALA A 3 24.64 12.19 8.75
C ALA A 3 24.28 13.59 8.28
N ARG A 4 24.72 13.93 7.07
CA ARG A 4 24.37 15.22 6.48
C ARG A 4 23.19 15.05 5.54
N THR A 5 22.26 16.00 5.58
CA THR A 5 21.20 16.07 4.58
C THR A 5 21.26 17.43 3.89
N ARG A 6 20.59 17.53 2.75
CA ARG A 6 20.49 18.79 2.03
C ARG A 6 19.94 19.94 2.89
N TYR A 7 19.19 19.61 3.95
CA TYR A 7 18.52 20.61 4.78
C TYR A 7 19.12 20.70 6.17
N GLY A 8 20.22 19.98 6.42
CA GLY A 8 20.87 20.03 7.71
C GLY A 8 21.24 18.68 8.29
N PRO A 9 22.14 18.68 9.27
CA PRO A 9 22.63 17.42 9.83
C PRO A 9 21.62 16.75 10.75
N VAL A 10 21.70 15.41 10.79
CA VAL A 10 20.83 14.61 11.66
C VAL A 10 21.69 13.59 12.41
N ILE A 11 21.26 13.27 13.63
CA ILE A 11 21.92 12.29 14.49
C ILE A 11 21.00 11.09 14.65
N GLY A 12 21.51 9.90 14.33
CA GLY A 12 20.81 8.67 14.57
C GLY A 12 21.35 7.90 15.76
N LYS A 13 20.88 6.66 15.89
CA LYS A 13 21.30 5.75 16.95
C LYS A 13 21.76 4.44 16.33
N VAL A 14 22.74 3.81 16.97
CA VAL A 14 23.17 2.48 16.54
C VAL A 14 22.24 1.46 17.18
N GLU A 15 21.61 0.62 16.36
CA GLU A 15 20.67 -0.38 16.83
C GLU A 15 20.96 -1.70 16.13
N GLN A 16 21.37 -2.72 16.91
CA GLN A 16 21.57 -4.06 16.39
C GLN A 16 22.48 -4.06 15.15
N GLY A 17 23.58 -3.30 15.22
CA GLY A 17 24.54 -3.23 14.14
C GLY A 17 24.21 -2.25 13.03
N ALA A 18 23.00 -1.71 13.00
CA ALA A 18 22.59 -0.79 11.95
C ALA A 18 22.44 0.61 12.52
N LEU A 19 22.41 1.60 11.63
CA LEU A 19 22.22 2.98 12.02
C LEU A 19 20.76 3.33 11.76
N ALA A 20 20.06 3.81 12.79
CA ALA A 20 18.63 4.09 12.69
C ALA A 20 18.40 5.59 12.86
N PHE A 21 17.66 6.17 11.91
CA PHE A 21 17.28 7.58 11.92
C PHE A 21 15.76 7.63 11.82
N LYS A 22 15.10 8.31 12.75
CA LYS A 22 13.65 8.36 12.73
C LYS A 22 13.18 9.80 12.76
N GLY A 23 12.14 10.11 11.99
CA GLY A 23 11.57 11.44 11.98
C GLY A 23 12.37 12.53 11.31
N ILE A 24 13.09 12.21 10.23
CA ILE A 24 13.86 13.21 9.48
C ILE A 24 12.88 14.02 8.64
N PRO A 25 12.84 15.35 8.77
CA PRO A 25 11.92 16.13 7.92
C PRO A 25 12.34 16.09 6.46
N TYR A 26 11.38 15.78 5.59
CA TYR A 26 11.59 15.90 4.16
C TYR A 26 10.68 16.92 3.50
N GLY A 27 9.66 17.41 4.22
CA GLY A 27 8.81 18.48 3.71
C GLY A 27 8.43 19.45 4.81
N ALA A 28 7.93 20.60 4.36
CA ALA A 28 7.44 21.65 5.27
C ALA A 28 6.09 21.25 5.87
N PRO A 29 5.66 21.91 6.96
CA PRO A 29 4.31 21.68 7.47
C PRO A 29 3.27 21.92 6.39
N THR A 30 2.18 21.14 6.44
CA THR A 30 1.13 21.23 5.44
C THR A 30 -0.13 21.97 5.92
N SER A 31 -0.11 22.57 7.10
CA SER A 31 -1.25 23.40 7.53
C SER A 31 -1.25 24.74 6.79
N GLY A 32 -2.31 25.53 7.01
CA GLY A 32 -2.33 26.89 6.46
C GLY A 32 -2.26 26.90 4.95
N SER A 33 -1.36 27.74 4.42
CA SER A 33 -1.24 27.87 2.97
C SER A 33 -0.75 26.58 2.30
N GLY A 34 -0.23 25.62 3.06
CA GLY A 34 0.09 24.31 2.53
C GLY A 34 -1.07 23.34 2.41
N ARG A 35 -2.24 23.68 2.95
CA ARG A 35 -3.30 22.69 3.04
C ARG A 35 -3.94 22.45 1.67
N PHE A 36 -4.09 21.16 1.31
CA PHE A 36 -4.56 20.71 0.01
C PHE A 36 -3.69 21.20 -1.16
N MET A 37 -2.47 21.62 -0.90
CA MET A 37 -1.46 21.97 -1.91
C MET A 37 -0.27 21.02 -1.88
N PRO A 38 0.49 20.96 -2.98
CA PRO A 38 1.63 20.05 -3.02
C PRO A 38 2.62 20.39 -1.90
N PRO A 39 3.40 19.41 -1.47
CA PRO A 39 4.42 19.65 -0.45
C PRO A 39 5.54 20.53 -1.00
N THR A 40 6.30 21.09 -0.09
CA THR A 40 7.52 21.82 -0.39
C THR A 40 8.62 21.30 0.51
N PRO A 41 9.88 21.51 0.13
CA PRO A 41 10.98 21.11 1.01
C PRO A 41 10.93 21.86 2.32
N PRO A 42 11.52 21.31 3.38
CA PRO A 42 11.48 21.97 4.68
C PRO A 42 12.46 23.13 4.74
N GLN A 43 12.21 24.04 5.66
CA GLN A 43 13.21 25.05 5.95
C GLN A 43 14.44 24.38 6.58
N PRO A 44 15.64 24.72 6.13
CA PRO A 44 16.84 24.06 6.67
C PRO A 44 17.10 24.41 8.12
N TRP A 45 17.78 23.50 8.81
CA TRP A 45 18.22 23.69 10.17
C TRP A 45 19.73 23.71 10.24
N SER A 46 20.26 24.43 11.24
CA SER A 46 21.70 24.57 11.38
C SER A 46 22.29 23.60 12.39
N THR A 47 21.70 23.46 13.49
CA THR A 47 22.32 22.54 14.45
C THR A 47 21.73 21.15 14.29
N PRO A 48 22.50 20.10 14.62
CA PRO A 48 22.06 18.73 14.31
C PRO A 48 20.74 18.38 14.97
N LEU A 49 19.85 17.76 14.18
CA LEU A 49 18.54 17.37 14.66
C LEU A 49 18.62 15.93 15.15
N ARG A 50 18.12 15.68 16.35
CA ARG A 50 18.19 14.34 16.94
C ARG A 50 17.05 13.51 16.38
N ALA A 51 17.38 12.58 15.48
CA ALA A 51 16.37 11.80 14.78
C ALA A 51 16.19 10.48 15.53
N PHE A 52 15.67 10.62 16.75
CA PHE A 52 15.57 9.51 17.68
C PHE A 52 14.18 8.91 17.76
N ASP A 53 13.14 9.62 17.31
CA ASP A 53 11.76 9.15 17.48
C ASP A 53 11.00 9.27 16.17
N TYR A 54 10.04 8.36 15.98
CA TYR A 54 9.13 8.47 14.84
C TYR A 54 8.45 9.84 14.85
N GLY A 55 8.24 10.40 13.66
CA GLY A 55 7.61 11.68 13.52
C GLY A 55 6.10 11.60 13.73
N PRO A 56 5.44 12.75 13.66
CA PRO A 56 4.00 12.81 13.92
C PRO A 56 3.19 11.97 12.94
N THR A 57 2.16 11.33 13.47
CA THR A 57 1.19 10.59 12.66
C THR A 57 0.33 11.57 11.86
N ALA A 58 0.02 11.21 10.61
CA ALA A 58 -0.87 12.06 9.81
C ALA A 58 -2.28 12.07 10.40
N PRO A 59 -2.99 13.21 10.32
CA PRO A 59 -4.33 13.30 10.90
C PRO A 59 -5.25 12.22 10.35
N GLN A 60 -5.97 11.52 11.25
CA GLN A 60 -6.80 10.43 10.74
C GLN A 60 -7.90 10.02 11.71
N SER A 61 -7.83 10.49 12.95
CA SER A 61 -8.77 10.09 13.99
C SER A 61 -10.02 10.98 13.97
N ASP A 62 -11.12 10.43 14.50
CA ASP A 62 -12.34 11.21 14.68
C ASP A 62 -12.23 12.05 15.95
N PRO A 63 -12.31 13.37 15.86
CA PRO A 63 -12.19 14.21 17.07
C PRO A 63 -13.25 13.90 18.13
N GLN A 64 -14.38 13.32 17.74
CA GLN A 64 -15.39 12.94 18.72
C GLN A 64 -14.89 11.83 19.64
N ASP A 65 -14.15 10.87 19.08
CA ASP A 65 -13.68 9.72 19.85
C ASP A 65 -12.67 10.13 20.91
N ALA A 66 -11.90 11.21 20.66
CA ALA A 66 -10.89 11.65 21.60
C ALA A 66 -11.48 12.40 22.79
N LEU A 67 -12.74 12.82 22.72
CA LEU A 67 -13.37 13.52 23.83
C LEU A 67 -13.90 12.52 24.86
N GLU A 68 -13.64 12.81 26.13
CA GLU A 68 -14.13 12.00 27.25
C GLU A 68 -13.70 10.53 27.14
N SER A 69 -12.52 10.29 26.55
CA SER A 69 -12.00 8.94 26.42
C SER A 69 -10.69 8.81 27.17
N GLY A 70 -10.30 7.56 27.41
CA GLY A 70 -9.09 7.26 28.15
C GLY A 70 -7.90 6.77 27.35
N ALA A 71 -7.93 6.91 26.03
CA ALA A 71 -6.80 6.51 25.20
C ALA A 71 -5.71 7.59 25.19
N ALA A 72 -4.46 7.14 25.12
CA ALA A 72 -3.34 8.07 24.94
C ALA A 72 -3.52 8.85 23.65
N ASP A 73 -3.30 10.16 23.71
CA ASP A 73 -3.42 10.99 22.52
C ASP A 73 -2.48 10.49 21.43
N ALA A 74 -2.97 10.49 20.18
CA ALA A 74 -2.16 10.02 19.07
C ALA A 74 -1.10 11.03 18.65
N ARG A 75 -1.27 12.31 19.01
CA ARG A 75 -0.37 13.38 18.58
C ARG A 75 -0.24 13.39 17.05
N GLU A 76 -1.38 13.33 16.38
CA GLU A 76 -1.45 13.53 14.94
C GLU A 76 -1.24 15.00 14.63
N SER A 77 -0.69 15.29 13.45
CA SER A 77 -0.31 16.66 13.13
C SER A 77 -0.24 16.84 11.62
N GLU A 78 -0.58 18.05 11.15
CA GLU A 78 -0.34 18.38 9.76
C GLU A 78 1.13 18.57 9.43
N ASP A 79 2.01 18.56 10.43
CA ASP A 79 3.46 18.60 10.18
C ASP A 79 4.01 17.18 10.19
N CYS A 80 3.58 16.39 9.20
CA CYS A 80 3.82 14.96 9.21
C CYS A 80 4.72 14.46 8.09
N LEU A 81 5.41 15.36 7.37
CA LEU A 81 6.27 14.92 6.26
C LEU A 81 7.66 14.64 6.81
N THR A 82 7.79 13.48 7.49
CA THR A 82 9.07 12.99 7.99
C THR A 82 9.27 11.57 7.50
N LEU A 83 10.52 11.12 7.48
CA LEU A 83 10.80 9.76 7.05
C LEU A 83 11.84 9.13 7.96
N ASN A 84 11.92 7.80 7.89
CA ASN A 84 12.85 7.02 8.70
C ASN A 84 13.85 6.34 7.75
N VAL A 85 15.10 6.23 8.19
CA VAL A 85 16.13 5.55 7.42
C VAL A 85 16.82 4.53 8.33
N TRP A 86 16.96 3.29 7.87
CA TRP A 86 17.82 2.30 8.51
C TRP A 86 18.90 1.88 7.52
N THR A 87 20.17 1.93 7.93
CA THR A 87 21.28 1.70 7.00
C THR A 87 22.46 1.07 7.71
N PRO A 88 23.20 0.19 7.03
CA PRO A 88 24.46 -0.31 7.61
C PRO A 88 25.54 0.75 7.68
N SER A 89 25.46 1.84 6.91
CA SER A 89 26.63 2.70 6.79
C SER A 89 26.26 4.10 6.30
N LEU A 90 27.18 5.05 6.50
CA LEU A 90 26.98 6.39 5.95
C LEU A 90 27.63 6.55 4.56
N ASN A 91 28.21 7.71 4.28
CA ASN A 91 28.72 8.00 2.93
C ASN A 91 30.02 7.24 2.68
N ASP A 92 29.88 5.98 2.26
CA ASP A 92 31.04 5.20 1.83
C ASP A 92 31.01 4.81 0.37
N GLN A 93 30.01 5.25 -0.38
CA GLN A 93 29.90 5.05 -1.83
C GLN A 93 29.81 3.57 -2.23
N ARG A 94 29.36 2.69 -1.33
CA ARG A 94 29.19 1.28 -1.68
C ARG A 94 27.87 0.98 -2.40
N LYS A 95 26.99 1.96 -2.57
CA LYS A 95 25.85 1.83 -3.49
C LYS A 95 24.98 0.61 -3.17
N ARG A 96 24.56 0.52 -1.91
CA ARG A 96 23.64 -0.51 -1.48
C ARG A 96 22.26 -0.27 -2.10
N PRO A 97 21.49 -1.34 -2.34
CA PRO A 97 20.11 -1.18 -2.81
C PRO A 97 19.28 -0.40 -1.81
N VAL A 98 18.40 0.46 -2.31
CA VAL A 98 17.53 1.28 -1.46
C VAL A 98 16.12 0.75 -1.63
N MET A 99 15.49 0.39 -0.53
CA MET A 99 14.13 -0.13 -0.51
C MET A 99 13.26 0.86 0.24
N VAL A 100 12.35 1.50 -0.48
CA VAL A 100 11.49 2.54 0.07
C VAL A 100 10.15 1.90 0.40
N TRP A 101 9.88 1.73 1.68
CA TRP A 101 8.69 1.05 2.18
C TRP A 101 7.53 2.05 2.33
N LEU A 102 6.40 1.77 1.68
CA LEU A 102 5.23 2.63 1.78
C LEU A 102 4.21 1.95 2.68
N HIS A 103 3.88 2.59 3.79
CA HIS A 103 3.11 1.90 4.83
C HIS A 103 1.67 1.67 4.38
N GLY A 104 1.02 0.75 5.09
CA GLY A 104 -0.34 0.33 4.79
C GLY A 104 -1.39 1.12 5.55
N GLY A 105 -2.64 0.66 5.42
CA GLY A 105 -3.77 1.34 6.00
C GLY A 105 -4.61 2.03 4.94
N GLY A 106 -4.82 1.34 3.82
CA GLY A 106 -5.41 2.00 2.66
C GLY A 106 -4.64 3.25 2.29
N LEU A 107 -5.37 4.27 1.84
CA LEU A 107 -4.84 5.62 1.67
C LEU A 107 -5.25 6.54 2.80
N TRP A 108 -5.65 5.98 3.95
CA TRP A 108 -6.47 6.71 4.91
C TRP A 108 -6.02 6.61 6.36
N ARG A 109 -5.20 5.61 6.74
CA ARG A 109 -4.92 5.29 8.14
C ARG A 109 -3.47 4.89 8.35
N LEU A 110 -3.08 4.82 9.63
CA LEU A 110 -1.82 4.27 10.11
C LEU A 110 -0.61 5.16 9.83
N SER A 111 0.57 4.54 9.74
CA SER A 111 1.84 5.28 9.69
C SER A 111 3.00 4.30 9.50
N ALA A 112 4.21 4.82 9.42
CA ALA A 112 5.38 3.95 9.26
C ALA A 112 5.94 3.43 10.58
N ALA A 113 5.34 3.79 11.72
CA ALA A 113 5.87 3.39 13.01
C ALA A 113 5.55 1.93 13.32
N GLY A 114 6.28 1.36 14.29
CA GLY A 114 6.01 0.01 14.73
C GLY A 114 7.11 -1.01 14.47
N ASP A 115 7.35 -1.91 15.44
CA ASP A 115 8.43 -2.89 15.30
C ASP A 115 8.22 -3.79 14.09
N TYR A 116 6.97 -4.18 13.82
CA TYR A 116 6.72 -5.13 12.76
C TYR A 116 7.19 -4.64 11.41
N GLN A 117 7.35 -3.32 11.22
CA GLN A 117 7.76 -2.77 9.93
C GLN A 117 9.02 -1.90 10.01
N ALA A 118 9.82 -2.05 11.07
CA ALA A 118 11.11 -1.37 11.17
C ALA A 118 12.12 -2.00 10.21
N GLY A 119 13.05 -1.18 9.73
CA GLY A 119 14.04 -1.65 8.78
C GLY A 119 15.35 -2.13 9.39
N THR A 120 15.41 -2.31 10.71
CA THR A 120 16.68 -2.64 11.38
C THR A 120 17.30 -3.94 10.84
N HIS A 121 16.49 -5.00 10.79
CA HIS A 121 17.01 -6.30 10.38
C HIS A 121 17.39 -6.32 8.91
N LEU A 122 16.55 -5.74 8.03
CA LEU A 122 16.93 -5.60 6.63
C LEU A 122 18.29 -4.94 6.47
N ALA A 123 18.51 -3.86 7.20
CA ALA A 123 19.77 -3.13 7.08
C ALA A 123 20.95 -3.96 7.55
N ALA A 124 20.87 -4.50 8.77
CA ALA A 124 22.02 -5.19 9.33
C ALA A 124 22.28 -6.51 8.63
N HIS A 125 21.23 -7.27 8.34
CA HIS A 125 21.39 -8.63 7.83
C HIS A 125 21.56 -8.68 6.32
N SER A 126 20.91 -7.80 5.58
CA SER A 126 20.90 -7.88 4.13
C SER A 126 21.67 -6.76 3.44
N ASP A 127 22.27 -5.84 4.21
CA ASP A 127 23.11 -4.79 3.63
C ASP A 127 22.32 -3.93 2.65
N VAL A 128 21.07 -3.63 3.01
CA VAL A 128 20.24 -2.74 2.21
C VAL A 128 19.92 -1.51 3.05
N VAL A 129 19.55 -0.45 2.36
CA VAL A 129 19.09 0.78 3.01
C VAL A 129 17.57 0.83 2.88
N MET A 130 16.86 0.87 4.01
CA MET A 130 15.39 0.93 4.02
CA MET A 130 15.40 0.92 4.03
C MET A 130 14.95 2.32 4.46
N VAL A 131 14.02 2.88 3.69
CA VAL A 131 13.48 4.23 3.94
C VAL A 131 11.97 4.09 4.04
N SER A 132 11.36 4.67 5.08
CA SER A 132 9.90 4.64 5.16
C SER A 132 9.38 6.04 5.48
N PRO A 133 8.64 6.67 4.57
CA PRO A 133 8.08 7.98 4.84
C PRO A 133 6.66 7.93 5.39
N ASN A 134 6.35 8.92 6.23
CA ASN A 134 4.97 9.29 6.51
C ASN A 134 4.56 10.36 5.49
N HIS A 135 3.26 10.55 5.33
CA HIS A 135 2.71 11.47 4.33
C HIS A 135 1.24 11.72 4.65
N ARG A 136 0.67 12.74 4.03
CA ARG A 136 -0.76 13.02 4.27
C ARG A 136 -1.65 11.85 3.84
N LEU A 137 -2.78 11.70 4.55
CA LEU A 137 -3.73 10.62 4.32
C LEU A 137 -5.12 11.21 4.14
N ASN A 138 -6.03 10.35 3.65
CA ASN A 138 -7.48 10.59 3.56
C ASN A 138 -7.82 11.97 3.01
N VAL A 139 -8.58 12.80 3.72
CA VAL A 139 -9.10 14.03 3.10
C VAL A 139 -8.01 15.07 2.90
N LEU A 140 -7.03 15.15 3.81
CA LEU A 140 -5.93 16.09 3.63
C LEU A 140 -5.04 15.72 2.45
N ALA A 141 -5.05 14.46 2.06
CA ALA A 141 -4.24 13.96 0.95
C ALA A 141 -4.94 14.04 -0.39
N HIS A 142 -6.29 13.91 -0.42
CA HIS A 142 -6.99 13.54 -1.65
C HIS A 142 -8.30 14.30 -1.86
N ALA A 143 -8.43 15.50 -1.31
CA ALA A 143 -9.61 16.33 -1.59
C ALA A 143 -9.54 16.87 -3.01
N TYR A 144 -10.64 16.75 -3.76
CA TYR A 144 -10.64 17.18 -5.17
C TYR A 144 -11.21 18.59 -5.23
N LEU A 145 -10.32 19.57 -5.15
CA LEU A 145 -10.71 20.99 -5.12
C LEU A 145 -10.36 21.73 -6.41
N ASP A 146 -9.90 21.00 -7.45
CA ASP A 146 -9.40 21.62 -8.68
C ASP A 146 -10.39 22.60 -9.30
N GLU A 147 -11.66 22.24 -9.36
CA GLU A 147 -12.62 23.02 -10.11
C GLU A 147 -13.17 24.21 -9.33
N TYR A 148 -12.81 24.34 -8.05
CA TYR A 148 -13.23 25.49 -7.24
C TYR A 148 -12.27 26.66 -7.33
N ASP A 149 -10.98 26.39 -7.55
CA ASP A 149 -9.98 27.45 -7.61
C ASP A 149 -8.77 26.88 -8.33
N PRO A 150 -8.23 27.62 -9.32
CA PRO A 150 -7.11 27.09 -10.12
C PRO A 150 -5.88 26.76 -9.31
N ALA A 151 -5.70 27.39 -8.14
CA ALA A 151 -4.54 27.11 -7.30
C ALA A 151 -4.50 25.67 -6.82
N PHE A 152 -5.63 24.97 -6.83
CA PHE A 152 -5.73 23.63 -6.28
C PHE A 152 -5.69 22.54 -7.35
N ALA A 153 -5.19 22.86 -8.55
CA ALA A 153 -5.04 21.82 -9.57
C ALA A 153 -4.12 20.71 -9.05
N GLY A 154 -4.59 19.46 -9.14
CA GLY A 154 -3.83 18.35 -8.61
C GLY A 154 -4.07 18.03 -7.14
N SER A 155 -4.96 18.76 -6.46
CA SER A 155 -5.13 18.61 -5.01
C SER A 155 -5.46 17.16 -4.60
N SER A 156 -6.14 16.39 -5.46
CA SER A 156 -6.52 15.06 -5.00
C SER A 156 -5.33 14.10 -4.95
N SER A 157 -4.18 14.52 -5.45
CA SER A 157 -2.95 13.74 -5.37
C SER A 157 -1.92 14.36 -4.43
N ALA A 158 -2.30 15.34 -3.60
CA ALA A 158 -1.34 15.98 -2.71
C ALA A 158 -0.59 14.95 -1.86
N GLY A 159 -1.31 13.95 -1.34
CA GLY A 159 -0.62 12.95 -0.52
C GLY A 159 0.28 12.00 -1.27
N MET A 160 0.04 11.80 -2.57
CA MET A 160 0.95 11.07 -3.44
C MET A 160 2.16 11.92 -3.83
N LEU A 161 1.95 13.24 -4.02
CA LEU A 161 3.08 14.11 -4.28
C LEU A 161 3.99 14.21 -3.06
N ASP A 162 3.45 14.04 -1.85
CA ASP A 162 4.29 13.87 -0.67
C ASP A 162 5.31 12.75 -0.90
N LEU A 163 4.83 11.61 -1.38
CA LEU A 163 5.74 10.47 -1.60
C LEU A 163 6.74 10.78 -2.71
N VAL A 164 6.33 11.55 -3.71
CA VAL A 164 7.28 11.97 -4.74
C VAL A 164 8.38 12.81 -4.13
N LEU A 165 8.01 13.75 -3.25
CA LEU A 165 9.03 14.57 -2.58
C LEU A 165 9.94 13.70 -1.71
N ALA A 166 9.38 12.66 -1.08
CA ALA A 166 10.22 11.73 -0.35
C ALA A 166 11.19 11.02 -1.29
N LEU A 167 10.72 10.61 -2.48
CA LEU A 167 11.64 10.00 -3.43
C LEU A 167 12.68 10.99 -3.95
N LYS A 168 12.34 12.28 -4.10
CA LYS A 168 13.40 13.26 -4.43
C LYS A 168 14.39 13.39 -3.29
N TRP A 169 13.93 13.30 -2.04
CA TRP A 169 14.85 13.30 -0.90
C TRP A 169 15.85 12.16 -1.03
N VAL A 170 15.37 10.96 -1.39
CA VAL A 170 16.25 9.80 -1.57
C VAL A 170 17.29 10.07 -2.65
N ARG A 171 16.82 10.56 -3.81
CA ARG A 171 17.72 10.87 -4.91
C ARG A 171 18.85 11.79 -4.47
N ASP A 172 18.51 12.81 -3.70
CA ASP A 172 19.48 13.84 -3.33
C ASP A 172 20.31 13.48 -2.10
N ASN A 173 19.84 12.58 -1.25
CA ASN A 173 20.44 12.37 0.06
C ASN A 173 20.91 10.94 0.37
N ILE A 174 20.41 9.92 -0.33
CA ILE A 174 20.68 8.56 0.15
C ILE A 174 22.14 8.15 0.05
N GLU A 175 22.96 8.78 -0.79
CA GLU A 175 24.39 8.47 -0.78
C GLU A 175 25.02 8.76 0.57
N GLU A 176 24.51 9.78 1.28
CA GLU A 176 24.97 10.06 2.63
CA GLU A 176 25.00 10.05 2.63
C GLU A 176 24.62 8.94 3.61
N PHE A 177 23.64 8.11 3.28
CA PHE A 177 23.22 7.01 4.13
C PHE A 177 23.61 5.67 3.52
N GLY A 178 24.66 5.66 2.70
CA GLY A 178 25.24 4.44 2.16
C GLY A 178 24.47 3.79 1.02
N GLY A 179 23.52 4.48 0.41
CA GLY A 179 22.67 3.88 -0.60
C GLY A 179 23.01 4.32 -2.02
N ASP A 180 22.51 3.55 -2.98
CA ASP A 180 22.60 3.86 -4.40
C ASP A 180 21.36 4.57 -4.88
N PRO A 181 21.41 5.87 -5.21
CA PRO A 181 20.21 6.54 -5.74
C PRO A 181 19.80 6.04 -7.10
N ASP A 182 20.61 5.21 -7.76
CA ASP A 182 20.26 4.65 -9.05
C ASP A 182 19.68 3.25 -8.94
N ASN A 183 19.44 2.75 -7.72
CA ASN A 183 18.82 1.44 -7.51
C ASN A 183 17.78 1.53 -6.38
N VAL A 184 16.64 2.16 -6.66
CA VAL A 184 15.59 2.41 -5.67
C VAL A 184 14.42 1.50 -6.01
N THR A 185 14.00 0.68 -5.04
CA THR A 185 12.80 -0.13 -5.15
C THR A 185 11.72 0.47 -4.27
N ILE A 186 10.52 0.70 -4.82
CA ILE A 186 9.39 1.09 -3.99
C ILE A 186 8.57 -0.16 -3.72
N PHE A 187 8.18 -0.35 -2.46
CA PHE A 187 7.39 -1.53 -2.13
C PHE A 187 6.42 -1.22 -1.01
N GLY A 188 5.33 -1.98 -1.01
CA GLY A 188 4.33 -1.71 0.00
C GLY A 188 3.34 -2.85 0.02
N GLN A 189 2.63 -2.93 1.15
CA GLN A 189 1.59 -3.93 1.35
C GLN A 189 0.28 -3.22 1.62
N SER A 190 -0.82 -3.79 1.12
CA SER A 190 -2.17 -3.23 1.31
C SER A 190 -2.21 -1.80 0.78
N GLY A 191 -2.60 -0.80 1.57
CA GLY A 191 -2.56 0.58 1.09
C GLY A 191 -1.19 0.98 0.55
N GLY A 192 -0.13 0.38 1.08
CA GLY A 192 1.20 0.62 0.54
C GLY A 192 1.32 0.13 -0.90
N GLY A 193 0.74 -1.04 -1.20
CA GLY A 193 0.71 -1.49 -2.58
C GLY A 193 -0.14 -0.60 -3.47
N GLN A 194 -1.24 -0.05 -2.93
CA GLN A 194 -2.03 0.92 -3.69
C GLN A 194 -1.19 2.16 -4.00
N LYS A 195 -0.39 2.62 -3.04
CA LYS A 195 0.46 3.79 -3.27
C LYS A 195 1.49 3.50 -4.36
N VAL A 196 2.09 2.30 -4.34
CA VAL A 196 2.99 1.89 -5.42
C VAL A 196 2.26 1.95 -6.76
N SER A 197 1.02 1.44 -6.79
CA SER A 197 0.25 1.40 -8.04
C SER A 197 0.09 2.81 -8.62
N PHE A 198 -0.29 3.78 -7.77
CA PHE A 198 -0.47 5.15 -8.25
C PHE A 198 0.85 5.77 -8.71
N LEU A 199 1.95 5.50 -8.00
CA LEU A 199 3.23 6.11 -8.39
C LEU A 199 3.70 5.64 -9.75
N MET A 200 3.33 4.41 -10.13
CA MET A 200 3.78 3.83 -11.38
C MET A 200 3.20 4.57 -12.59
N ALA A 201 2.14 5.36 -12.39
CA ALA A 201 1.47 6.10 -13.47
C ALA A 201 1.62 7.61 -13.34
N MET A 202 2.40 8.09 -12.39
CA MET A 202 2.47 9.52 -12.10
C MET A 202 3.67 10.12 -12.81
N PRO A 203 3.47 11.07 -13.73
CA PRO A 203 4.63 11.68 -14.39
C PRO A 203 5.63 12.28 -13.41
N ALA A 204 5.17 12.86 -12.30
CA ALA A 204 6.09 13.51 -11.37
C ALA A 204 7.06 12.52 -10.74
N ALA A 205 6.71 11.24 -10.69
CA ALA A 205 7.52 10.22 -10.04
C ALA A 205 8.48 9.52 -10.98
N ALA A 206 8.34 9.72 -12.28
CA ALA A 206 9.10 8.92 -13.24
C ALA A 206 10.60 9.21 -13.10
N GLY A 207 11.39 8.14 -13.11
CA GLY A 207 12.82 8.25 -12.90
C GLY A 207 13.27 8.25 -11.45
N LEU A 208 12.37 8.36 -10.50
CA LEU A 208 12.73 8.40 -9.08
C LEU A 208 12.68 7.02 -8.43
N PHE A 209 12.30 6.00 -9.18
CA PHE A 209 12.41 4.63 -8.71
C PHE A 209 12.66 3.73 -9.90
N HIS A 210 13.22 2.56 -9.64
CA HIS A 210 13.64 1.69 -10.73
C HIS A 210 12.97 0.32 -10.70
N LYS A 211 12.42 -0.08 -9.57
CA LYS A 211 11.74 -1.36 -9.39
C LYS A 211 10.59 -1.14 -8.42
N ALA A 212 9.63 -2.07 -8.47
CA ALA A 212 8.40 -1.95 -7.72
C ALA A 212 7.91 -3.30 -7.23
N ILE A 213 7.37 -3.33 -6.01
CA ILE A 213 6.72 -4.53 -5.46
C ILE A 213 5.36 -4.14 -4.92
N ILE A 214 4.32 -4.84 -5.35
CA ILE A 214 2.95 -4.65 -4.89
C ILE A 214 2.52 -5.93 -4.16
N GLN A 215 2.37 -5.84 -2.85
CA GLN A 215 2.09 -6.98 -1.98
C GLN A 215 0.67 -6.84 -1.42
N SER A 216 -0.25 -7.70 -1.88
CA SER A 216 -1.63 -7.67 -1.40
C SER A 216 -2.23 -6.25 -1.42
N GLY A 217 -2.08 -5.54 -2.54
CA GLY A 217 -2.63 -4.20 -2.59
C GLY A 217 -2.69 -3.57 -3.96
N PRO A 218 -3.46 -4.17 -4.87
CA PRO A 218 -3.56 -3.61 -6.22
C PRO A 218 -4.51 -2.42 -6.26
N ALA A 219 -4.10 -1.35 -6.97
CA ALA A 219 -5.01 -0.24 -7.30
C ALA A 219 -4.93 0.05 -8.79
N PRO A 220 -5.65 -0.74 -9.61
CA PRO A 220 -5.66 -0.48 -11.05
C PRO A 220 -6.52 0.70 -11.45
N LEU A 221 -7.33 1.24 -10.52
CA LEU A 221 -8.27 2.32 -10.78
C LEU A 221 -8.11 3.46 -9.78
N ALA A 222 -8.32 4.69 -10.27
CA ALA A 222 -8.48 5.87 -9.45
C ALA A 222 -9.94 6.29 -9.51
N LEU A 223 -10.28 7.34 -8.74
CA LEU A 223 -11.60 7.95 -8.88
C LEU A 223 -11.66 8.77 -10.16
N GLU A 224 -12.87 8.92 -10.70
CA GLU A 224 -13.10 9.86 -11.78
C GLU A 224 -13.83 11.09 -11.24
N LYS A 225 -13.79 12.17 -12.02
CA LYS A 225 -14.24 13.46 -11.51
C LYS A 225 -15.68 13.48 -10.98
N PRO A 226 -16.69 12.87 -11.64
CA PRO A 226 -18.07 12.97 -11.11
C PRO A 226 -18.21 12.60 -9.64
N TYR A 227 -17.66 11.45 -9.24
CA TYR A 227 -17.79 11.00 -7.85
C TYR A 227 -16.91 11.81 -6.92
N ALA A 228 -15.70 12.16 -7.36
CA ALA A 228 -14.84 12.98 -6.52
C ALA A 228 -15.47 14.35 -6.25
N ARG A 229 -16.14 14.93 -7.26
CA ARG A 229 -16.83 16.21 -7.08
C ARG A 229 -17.89 16.12 -6.00
N GLU A 230 -18.63 15.02 -5.98
CA GLU A 230 -19.66 14.80 -4.97
C GLU A 230 -19.06 14.77 -3.58
N LEU A 231 -17.90 14.10 -3.43
CA LEU A 231 -17.24 14.09 -2.13
C LEU A 231 -16.81 15.48 -1.69
N SER A 232 -16.17 16.25 -2.59
CA SER A 232 -15.66 17.53 -2.12
C SER A 232 -16.79 18.55 -1.96
N ALA A 233 -17.88 18.42 -2.73
CA ALA A 233 -19.06 19.27 -2.50
C ALA A 233 -19.63 19.06 -1.10
N ARG A 234 -19.75 17.80 -0.67
CA ARG A 234 -20.20 17.53 0.69
C ARG A 234 -19.26 18.11 1.73
N LEU A 235 -17.95 17.99 1.48
CA LEU A 235 -16.98 18.51 2.44
C LEU A 235 -17.14 20.03 2.63
N LEU A 236 -17.21 20.78 1.52
CA LEU A 236 -17.36 22.23 1.64
C LEU A 236 -18.67 22.60 2.33
N THR A 237 -19.77 21.94 1.97
CA THR A 237 -21.07 22.24 2.57
C THR A 237 -21.03 22.03 4.07
N LEU A 238 -20.52 20.86 4.49
CA LEU A 238 -20.44 20.54 5.91
C LEU A 238 -19.53 21.49 6.68
N LEU A 239 -18.58 22.13 6.01
CA LEU A 239 -17.70 23.10 6.67
C LEU A 239 -18.18 24.52 6.53
N ASP A 240 -19.33 24.74 5.89
CA ASP A 240 -19.94 26.07 5.77
C ASP A 240 -19.05 27.01 4.96
N ILE A 241 -18.48 26.49 3.88
CA ILE A 241 -17.58 27.23 3.00
C ILE A 241 -18.23 27.33 1.63
N PRO A 242 -18.56 28.53 1.15
CA PRO A 242 -19.17 28.65 -0.18
C PRO A 242 -18.18 28.33 -1.29
N LYS A 243 -18.72 27.84 -2.41
CA LYS A 243 -17.89 27.47 -3.56
C LYS A 243 -16.97 28.62 -3.96
N ASN A 244 -17.42 29.86 -3.73
CA ASN A 244 -16.72 31.05 -4.19
C ASN A 244 -15.46 31.33 -3.38
N ARG A 245 -15.44 30.92 -2.11
CA ARG A 245 -14.35 31.30 -1.23
C ARG A 245 -13.66 30.05 -0.69
N VAL A 246 -13.39 29.10 -1.59
CA VAL A 246 -12.87 27.79 -1.20
C VAL A 246 -11.53 27.92 -0.47
N ARG A 247 -10.76 28.99 -0.76
CA ARG A 247 -9.47 29.13 -0.09
C ARG A 247 -9.62 29.22 1.43
N ASP A 248 -10.79 29.63 1.93
CA ASP A 248 -10.99 29.69 3.38
C ASP A 248 -10.85 28.31 4.04
N ILE A 249 -11.02 27.22 3.28
CA ILE A 249 -10.82 25.89 3.83
C ILE A 249 -9.42 25.72 4.40
N GLN A 250 -8.45 26.53 3.97
CA GLN A 250 -7.09 26.36 4.45
C GLN A 250 -6.90 26.85 5.88
N ASN A 251 -7.83 27.66 6.40
CA ASN A 251 -7.66 28.25 7.71
C ASN A 251 -8.68 27.78 8.75
N VAL A 252 -9.58 26.86 8.39
CA VAL A 252 -10.47 26.28 9.39
C VAL A 252 -9.68 25.31 10.27
N PRO A 253 -10.08 25.11 11.53
CA PRO A 253 -9.33 24.21 12.41
C PRO A 253 -9.30 22.79 11.87
N LEU A 254 -8.22 22.09 12.20
CA LEU A 254 -8.06 20.70 11.76
C LEU A 254 -9.20 19.82 12.28
N ASP A 255 -9.62 20.03 13.52
CA ASP A 255 -10.74 19.26 14.07
C ASP A 255 -11.99 19.38 13.21
N ALA A 256 -12.29 20.58 12.71
CA ALA A 256 -13.48 20.74 11.88
C ALA A 256 -13.36 19.93 10.59
N ILE A 257 -12.16 19.91 10.00
CA ILE A 257 -11.90 19.11 8.80
C ILE A 257 -12.14 17.63 9.07
N MET A 258 -11.55 17.14 10.16
CA MET A 258 -11.62 15.71 10.45
C MET A 258 -13.03 15.29 10.87
N ARG A 259 -13.78 16.18 11.54
CA ARG A 259 -15.17 15.88 11.84
C ARG A 259 -16.00 15.75 10.57
N ALA A 260 -15.84 16.71 9.66
CA ALA A 260 -16.57 16.65 8.38
C ALA A 260 -16.24 15.39 7.61
N TYR A 261 -14.95 15.00 7.60
CA TYR A 261 -14.52 13.79 6.92
C TYR A 261 -15.28 12.57 7.42
N TYR A 262 -15.39 12.43 8.74
CA TYR A 262 -16.06 11.25 9.27
C TYR A 262 -17.57 11.33 9.05
N GLN A 263 -18.11 12.54 8.94
CA GLN A 263 -19.52 12.69 8.61
C GLN A 263 -19.78 12.06 7.25
N ILE A 264 -18.89 12.34 6.29
CA ILE A 264 -18.99 11.76 4.95
C ILE A 264 -18.69 10.26 4.98
N PHE A 265 -17.65 9.87 5.73
CA PHE A 265 -17.26 8.47 5.80
C PHE A 265 -18.40 7.59 6.32
N GLU A 266 -19.17 8.10 7.28
CA GLU A 266 -20.33 7.36 7.77
C GLU A 266 -21.33 7.10 6.66
N GLU A 267 -21.75 8.14 5.95
CA GLU A 267 -22.80 7.99 4.95
C GLU A 267 -22.30 7.29 3.69
N LEU A 268 -21.30 6.42 3.83
CA LEU A 268 -20.80 5.61 2.73
C LEU A 268 -20.37 4.25 3.25
N GLY A 272 -18.93 -1.76 0.95
CA GLY A 272 -17.61 -1.15 0.99
C GLY A 272 -16.47 -2.14 1.09
N VAL A 273 -16.32 -2.99 0.08
CA VAL A 273 -15.35 -4.07 0.12
C VAL A 273 -13.96 -3.50 -0.16
N MET A 274 -12.99 -3.91 0.66
CA MET A 274 -11.66 -3.32 0.56
C MET A 274 -11.04 -3.63 -0.79
N GLY A 275 -10.37 -2.62 -1.37
CA GLY A 275 -9.79 -2.71 -2.68
C GLY A 275 -10.60 -2.03 -3.76
N VAL A 276 -11.90 -1.88 -3.55
CA VAL A 276 -12.77 -1.10 -4.44
C VAL A 276 -12.86 0.27 -3.82
N ILE A 277 -12.20 1.25 -4.43
CA ILE A 277 -12.03 2.54 -3.78
C ILE A 277 -13.36 3.29 -3.76
N GLN A 278 -13.73 3.84 -2.59
CA GLN A 278 -14.88 4.72 -2.50
C GLN A 278 -14.68 5.92 -1.58
N ASP A 279 -13.56 6.01 -0.87
CA ASP A 279 -13.24 7.15 -0.03
C ASP A 279 -12.48 8.19 -0.85
N PHE A 280 -12.14 9.32 -0.24
CA PHE A 280 -11.25 10.29 -0.88
C PHE A 280 -10.00 9.59 -1.40
N ALA A 281 -9.67 9.81 -2.67
CA ALA A 281 -8.57 9.11 -3.31
C ALA A 281 -8.11 9.94 -4.51
N PRO A 282 -6.97 9.61 -5.09
CA PRO A 282 -6.53 10.33 -6.30
C PRO A 282 -7.57 10.23 -7.40
N VAL A 283 -7.65 11.30 -8.20
CA VAL A 283 -8.58 11.42 -9.30
C VAL A 283 -7.79 11.44 -10.60
N VAL A 284 -8.37 10.85 -11.66
CA VAL A 284 -7.79 11.06 -12.98
C VAL A 284 -8.08 12.50 -13.37
N ASP A 285 -7.08 13.38 -13.16
CA ASP A 285 -7.29 14.82 -13.24
C ASP A 285 -6.45 15.53 -14.30
N ASP A 286 -5.63 14.80 -15.07
CA ASP A 286 -4.82 15.36 -16.15
C ASP A 286 -3.77 16.37 -15.67
N VAL A 287 -3.46 16.38 -14.37
CA VAL A 287 -2.45 17.26 -13.81
C VAL A 287 -1.40 16.39 -13.13
N ALA A 288 -1.81 15.68 -12.08
CA ALA A 288 -0.94 14.77 -11.35
C ALA A 288 -1.10 13.33 -11.81
N LEU A 289 -2.30 12.95 -12.23
CA LEU A 289 -2.61 11.58 -12.62
C LEU A 289 -3.33 11.61 -13.97
N PRO A 290 -2.64 11.27 -15.06
CA PRO A 290 -3.26 11.38 -16.39
C PRO A 290 -4.10 10.18 -16.82
N GLN A 291 -4.03 9.06 -16.11
CA GLN A 291 -4.81 7.88 -16.45
C GLN A 291 -5.11 7.11 -15.17
N HIS A 292 -6.07 6.20 -15.26
CA HIS A 292 -6.13 5.14 -14.26
C HIS A 292 -4.79 4.42 -14.25
N PRO A 293 -4.29 4.00 -13.08
CA PRO A 293 -2.99 3.30 -13.03
C PRO A 293 -2.84 2.17 -14.03
N PHE A 294 -3.81 1.25 -14.11
CA PHE A 294 -3.66 0.08 -14.98
C PHE A 294 -4.90 -0.32 -15.76
N TRP A 295 -6.12 0.08 -15.35
CA TRP A 295 -7.34 -0.55 -15.88
C TRP A 295 -7.45 -0.38 -17.39
N ASN A 296 -7.12 0.80 -17.91
CA ASN A 296 -7.18 1.07 -19.33
C ASN A 296 -5.83 0.92 -20.01
N GLY A 297 -4.91 0.18 -19.39
CA GLY A 297 -3.57 0.06 -19.91
C GLY A 297 -2.55 0.58 -18.91
N ALA A 298 -1.43 -0.10 -18.81
CA ALA A 298 -0.36 0.33 -17.92
C ALA A 298 0.30 1.59 -18.47
N SER A 299 0.80 2.43 -17.55
CA SER A 299 1.46 3.65 -17.97
C SER A 299 2.79 3.31 -18.63
N PRO A 300 3.07 3.85 -19.82
CA PRO A 300 4.39 3.62 -20.42
C PRO A 300 5.52 4.22 -19.62
N LEU A 301 5.23 5.15 -18.69
CA LEU A 301 6.26 5.68 -17.79
C LEU A 301 7.06 4.59 -17.10
N SER A 302 6.41 3.48 -16.73
CA SER A 302 7.06 2.40 -15.99
C SER A 302 7.29 1.16 -16.84
N ARG A 303 7.35 1.32 -18.16
CA ARG A 303 7.65 0.19 -19.05
C ARG A 303 8.90 -0.57 -18.61
N ASP A 304 9.93 0.14 -18.15
CA ASP A 304 11.19 -0.51 -17.85
C ASP A 304 11.42 -0.72 -16.35
N VAL A 305 10.33 -0.67 -15.57
CA VAL A 305 10.37 -0.92 -14.13
C VAL A 305 9.99 -2.38 -13.91
N PRO A 306 10.92 -3.26 -13.52
CA PRO A 306 10.51 -4.63 -13.15
C PRO A 306 9.55 -4.59 -11.98
N LEU A 307 8.56 -5.49 -11.99
CA LEU A 307 7.50 -5.55 -11.01
C LEU A 307 7.37 -6.94 -10.41
N MET A 308 7.33 -7.03 -9.08
CA MET A 308 6.96 -8.25 -8.38
C MET A 308 5.61 -7.98 -7.72
N ILE A 309 4.65 -8.89 -7.86
CA ILE A 309 3.29 -8.60 -7.41
C ILE A 309 2.63 -9.90 -6.98
N GLY A 310 1.79 -9.83 -5.96
CA GLY A 310 1.05 -11.03 -5.57
C GLY A 310 0.11 -10.72 -4.43
N CYS A 311 -0.46 -11.79 -3.88
CA CYS A 311 -1.38 -11.64 -2.75
C CYS A 311 -1.43 -12.96 -1.99
N THR A 312 -2.17 -12.99 -0.88
CA THR A 312 -2.32 -14.22 -0.10
C THR A 312 -3.56 -14.98 -0.57
N ARG A 313 -3.66 -16.24 -0.14
CA ARG A 313 -4.72 -17.09 -0.67
C ARG A 313 -6.10 -16.72 -0.13
N THR A 314 -6.19 -16.27 1.14
CA THR A 314 -7.49 -15.97 1.78
C THR A 314 -7.41 -14.61 2.49
N GLU A 315 -7.29 -13.57 1.68
CA GLU A 315 -6.91 -12.25 2.16
C GLU A 315 -7.83 -11.73 3.27
N MET A 316 -9.13 -12.00 3.18
CA MET A 316 -10.11 -11.23 3.94
C MET A 316 -10.71 -11.99 5.12
N THR A 317 -10.13 -13.14 5.52
CA THR A 317 -10.72 -13.93 6.59
C THR A 317 -10.78 -13.15 7.89
N GLU A 318 -9.64 -12.58 8.31
CA GLU A 318 -9.59 -11.84 9.56
C GLU A 318 -10.47 -10.59 9.52
N TYR A 319 -10.43 -9.86 8.40
CA TYR A 319 -11.25 -8.66 8.31
C TYR A 319 -12.73 -8.99 8.32
N PHE A 320 -13.13 -10.05 7.62
CA PHE A 320 -14.55 -10.38 7.56
C PHE A 320 -15.04 -10.84 8.93
N LEU A 321 -14.25 -11.69 9.59
CA LEU A 321 -14.60 -12.15 10.94
C LEU A 321 -14.66 -10.98 11.92
N ALA A 322 -13.76 -10.00 11.79
CA ALA A 322 -13.76 -8.86 12.69
C ALA A 322 -14.97 -7.95 12.44
N SER A 323 -15.60 -8.04 11.28
CA SER A 323 -16.83 -7.33 10.98
C SER A 323 -18.07 -8.17 11.21
N ASN A 324 -17.92 -9.50 11.25
CA ASN A 324 -19.04 -10.44 11.29
C ASN A 324 -18.60 -11.62 12.14
N PRO A 325 -18.52 -11.43 13.47
CA PRO A 325 -17.82 -12.42 14.30
C PRO A 325 -18.40 -13.83 14.25
N GLY A 326 -19.70 -13.98 13.95
CA GLY A 326 -20.31 -15.30 13.85
C GLY A 326 -20.34 -15.85 12.43
N ALA A 327 -19.55 -15.27 11.54
CA ALA A 327 -19.65 -15.59 10.12
C ALA A 327 -19.20 -17.02 9.83
N ALA A 328 -18.30 -17.57 10.63
CA ALA A 328 -17.78 -18.90 10.31
C ALA A 328 -18.79 -20.00 10.56
N LYS A 329 -19.95 -19.69 11.15
CA LYS A 329 -21.00 -20.68 11.38
C LYS A 329 -21.97 -20.82 10.21
N ARG A 330 -21.94 -19.89 9.25
CA ARG A 330 -22.95 -19.84 8.21
C ARG A 330 -22.95 -21.10 7.35
N ASP A 331 -24.13 -21.45 6.83
CA ASP A 331 -24.25 -22.50 5.82
C ASP A 331 -24.16 -21.88 4.42
N PHE A 332 -24.25 -22.73 3.38
CA PHE A 332 -24.05 -22.22 2.02
C PHE A 332 -25.11 -21.20 1.62
N ALA A 333 -26.35 -21.40 2.08
CA ALA A 333 -27.41 -20.43 1.74
C ALA A 333 -27.11 -19.05 2.31
N ALA A 334 -26.62 -19.00 3.55
CA ALA A 334 -26.29 -17.71 4.17
C ALA A 334 -25.06 -17.09 3.54
N VAL A 335 -24.07 -17.91 3.18
CA VAL A 335 -22.92 -17.40 2.42
C VAL A 335 -23.40 -16.75 1.13
N THR A 336 -24.29 -17.43 0.40
CA THR A 336 -24.80 -16.87 -0.85
C THR A 336 -25.58 -15.57 -0.61
N ALA A 337 -26.45 -15.56 0.39
CA ALA A 337 -27.27 -14.38 0.64
C ALA A 337 -26.39 -13.17 0.99
N GLN A 338 -25.29 -13.39 1.71
CA GLN A 338 -24.46 -12.26 2.11
C GLN A 338 -23.46 -11.86 1.04
N LEU A 339 -23.47 -12.52 -0.11
CA LEU A 339 -22.74 -12.08 -1.29
C LEU A 339 -23.63 -11.35 -2.29
N GLU A 340 -24.94 -11.30 -2.05
CA GLU A 340 -25.82 -10.54 -2.95
C GLU A 340 -25.44 -9.07 -3.05
N PRO A 341 -25.06 -8.35 -1.98
CA PRO A 341 -24.66 -6.94 -2.17
C PRO A 341 -23.47 -6.77 -3.10
N VAL A 342 -22.63 -7.80 -3.26
CA VAL A 342 -21.46 -7.73 -4.14
C VAL A 342 -21.79 -8.24 -5.54
N PHE A 343 -22.38 -9.43 -5.65
CA PHE A 343 -22.58 -10.06 -6.96
C PHE A 343 -24.01 -10.01 -7.43
N GLY A 344 -24.93 -9.53 -6.59
CA GLY A 344 -26.32 -9.37 -7.00
C GLY A 344 -26.94 -10.69 -7.40
N MET A 345 -27.49 -10.68 -8.62
CA MET A 345 -28.24 -11.79 -9.21
C MET A 345 -27.33 -12.99 -9.42
N GLN A 346 -26.02 -12.76 -9.57
CA GLN A 346 -25.08 -13.82 -9.89
C GLN A 346 -24.48 -14.48 -8.65
N ALA A 347 -24.86 -14.05 -7.44
CA ALA A 347 -24.30 -14.66 -6.24
C ALA A 347 -24.46 -16.18 -6.19
N PRO A 348 -25.63 -16.79 -6.45
CA PRO A 348 -25.68 -18.26 -6.44
C PRO A 348 -24.75 -18.90 -7.46
N ALA A 349 -24.65 -18.32 -8.65
CA ALA A 349 -23.76 -18.89 -9.65
C ALA A 349 -22.31 -18.87 -9.16
N VAL A 350 -21.88 -17.76 -8.57
CA VAL A 350 -20.50 -17.68 -8.10
C VAL A 350 -20.24 -18.74 -7.03
N VAL A 351 -21.14 -18.84 -6.05
CA VAL A 351 -20.91 -19.81 -4.97
C VAL A 351 -20.92 -21.23 -5.53
N ALA A 352 -21.82 -21.50 -6.47
CA ALA A 352 -21.86 -22.82 -7.08
C ALA A 352 -20.56 -23.12 -7.81
N HIS A 353 -20.00 -22.14 -8.53
CA HIS A 353 -18.76 -22.40 -9.24
C HIS A 353 -17.64 -22.79 -8.28
N TYR A 354 -17.47 -22.01 -7.20
CA TYR A 354 -16.41 -22.30 -6.24
C TYR A 354 -16.66 -23.62 -5.52
N ARG A 355 -17.92 -23.98 -5.27
CA ARG A 355 -18.18 -25.29 -4.71
C ARG A 355 -17.74 -26.38 -5.67
N ALA A 356 -17.88 -26.14 -6.98
CA ALA A 356 -17.51 -27.16 -7.96
C ALA A 356 -15.99 -27.33 -8.06
N THR A 357 -15.24 -26.22 -8.05
CA THR A 357 -13.78 -26.32 -8.14
C THR A 357 -13.11 -26.60 -6.79
N HIS A 358 -13.82 -26.42 -5.68
CA HIS A 358 -13.29 -26.77 -4.36
C HIS A 358 -14.31 -27.65 -3.62
N PRO A 359 -14.51 -28.88 -4.11
CA PRO A 359 -15.64 -29.69 -3.60
C PRO A 359 -15.50 -30.16 -2.16
N THR A 360 -14.30 -30.12 -1.57
CA THR A 360 -14.14 -30.49 -0.17
C THR A 360 -14.09 -29.28 0.76
N ALA A 361 -14.19 -28.06 0.23
CA ALA A 361 -14.14 -26.85 1.05
C ALA A 361 -15.43 -26.64 1.82
N SER A 362 -15.30 -26.18 3.07
CA SER A 362 -16.46 -25.81 3.87
C SER A 362 -17.06 -24.50 3.36
N PRO A 363 -18.27 -24.14 3.81
CA PRO A 363 -18.83 -22.82 3.45
C PRO A 363 -17.90 -21.66 3.78
N TRP A 364 -17.24 -21.72 4.93
CA TRP A 364 -16.32 -20.64 5.29
C TRP A 364 -15.15 -20.58 4.32
N GLU A 365 -14.60 -21.73 3.95
CA GLU A 365 -13.46 -21.75 3.04
C GLU A 365 -13.86 -21.26 1.65
N VAL A 366 -15.03 -21.70 1.16
CA VAL A 366 -15.55 -21.20 -0.11
C VAL A 366 -15.73 -19.68 -0.05
N ASP A 367 -16.35 -19.19 1.02
CA ASP A 367 -16.57 -17.74 1.14
C ASP A 367 -15.24 -17.00 1.18
N ALA A 368 -14.25 -17.59 1.85
CA ALA A 368 -12.94 -16.94 1.96
C ALA A 368 -12.24 -16.85 0.61
N LEU A 369 -12.34 -17.88 -0.23
CA LEU A 369 -11.71 -17.81 -1.56
C LEU A 369 -12.37 -16.75 -2.43
N ILE A 370 -13.71 -16.69 -2.41
CA ILE A 370 -14.44 -15.69 -3.18
C ILE A 370 -14.05 -14.28 -2.74
N ARG A 371 -14.02 -14.03 -1.42
CA ARG A 371 -13.74 -12.68 -0.93
C ARG A 371 -12.28 -12.29 -1.03
N SER A 372 -11.38 -13.27 -1.23
CA SER A 372 -10.00 -12.95 -1.55
C SER A 372 -9.84 -12.68 -3.05
N ASP A 373 -10.54 -13.46 -3.88
CA ASP A 373 -10.45 -13.25 -5.32
C ASP A 373 -11.09 -11.94 -5.75
N TRP A 374 -12.21 -11.58 -5.12
CA TRP A 374 -12.89 -10.34 -5.51
C TRP A 374 -12.77 -9.34 -4.38
N PRO A 375 -12.04 -8.21 -4.56
CA PRO A 375 -11.34 -7.89 -5.81
C PRO A 375 -9.83 -8.17 -5.80
N THR A 376 -9.23 -8.58 -4.67
CA THR A 376 -7.78 -8.54 -4.56
C THR A 376 -7.09 -9.35 -5.64
N ARG A 377 -7.40 -10.65 -5.76
CA ARG A 377 -6.61 -11.46 -6.70
C ARG A 377 -6.97 -11.13 -8.15
N LEU A 378 -8.25 -10.86 -8.45
CA LEU A 378 -8.59 -10.42 -9.79
C LEU A 378 -7.87 -9.12 -10.16
N PHE A 379 -7.87 -8.13 -9.24
CA PHE A 379 -7.18 -6.87 -9.52
C PHE A 379 -5.67 -7.08 -9.63
N THR A 380 -5.13 -7.99 -8.81
CA THR A 380 -3.71 -8.32 -8.87
C THR A 380 -3.35 -8.87 -10.24
N GLN A 381 -4.17 -9.79 -10.75
CA GLN A 381 -3.93 -10.34 -12.07
C GLN A 381 -4.06 -9.29 -13.16
N ARG A 382 -5.03 -8.38 -13.02
CA ARG A 382 -5.23 -7.33 -14.00
C ARG A 382 -3.99 -6.44 -14.12
N ILE A 383 -3.42 -6.04 -12.98
CA ILE A 383 -2.22 -5.20 -13.03
C ILE A 383 -1.09 -5.95 -13.73
N ALA A 384 -0.90 -7.21 -13.38
CA ALA A 384 0.20 -7.98 -13.98
C ALA A 384 -0.02 -8.15 -15.47
N ASP A 385 -1.26 -8.45 -15.88
CA ASP A 385 -1.58 -8.58 -17.31
C ASP A 385 -1.29 -7.28 -18.05
N GLU A 386 -1.65 -6.14 -17.46
CA GLU A 386 -1.48 -4.89 -18.17
C GLU A 386 -0.01 -4.48 -18.23
N GLN A 387 0.76 -4.80 -17.19
CA GLN A 387 2.20 -4.49 -17.23
C GLN A 387 2.94 -5.35 -18.25
N VAL A 388 2.65 -6.65 -18.31
CA VAL A 388 3.40 -7.48 -19.27
C VAL A 388 3.06 -7.11 -20.70
N LYS A 389 1.89 -6.53 -20.93
CA LYS A 389 1.49 -6.06 -22.25
C LYS A 389 2.36 -4.90 -22.74
N LEU A 390 3.06 -4.20 -21.85
CA LEU A 390 3.98 -3.15 -22.28
C LEU A 390 5.22 -3.71 -22.98
N GLY A 391 5.50 -5.00 -22.83
CA GLY A 391 6.62 -5.61 -23.52
C GLY A 391 7.97 -5.10 -23.05
N GLY A 392 8.08 -4.67 -21.80
CA GLY A 392 9.32 -4.15 -21.29
C GLY A 392 9.90 -5.04 -20.20
N ALA A 393 10.04 -4.49 -19.00
CA ALA A 393 10.69 -5.22 -17.93
C ALA A 393 9.83 -6.40 -17.48
N PRO A 394 10.45 -7.44 -16.91
CA PRO A 394 9.67 -8.60 -16.49
C PRO A 394 8.79 -8.30 -15.28
N VAL A 395 7.78 -9.15 -15.15
CA VAL A 395 6.85 -9.18 -14.03
C VAL A 395 6.96 -10.54 -13.36
N TRP A 396 7.02 -10.56 -12.03
CA TRP A 396 7.05 -11.80 -11.27
C TRP A 396 5.82 -11.85 -10.38
N MET A 397 4.99 -12.89 -10.58
CA MET A 397 3.76 -13.17 -9.84
C MET A 397 3.90 -14.26 -8.78
N TYR A 398 3.32 -14.01 -7.60
CA TYR A 398 3.26 -15.03 -6.56
C TYR A 398 1.87 -15.10 -5.93
N ARG A 399 1.62 -16.22 -5.26
CA ARG A 399 0.51 -16.33 -4.33
C ARG A 399 1.04 -16.94 -3.05
N MET A 400 0.70 -16.33 -1.90
CA MET A 400 1.19 -16.76 -0.59
C MET A 400 0.17 -17.70 0.06
N ASP A 401 0.53 -19.00 0.13
CA ASP A 401 -0.39 -20.07 0.53
C ASP A 401 -0.11 -20.65 1.91
N TRP A 402 0.95 -20.20 2.60
CA TRP A 402 1.20 -20.69 3.95
C TRP A 402 0.02 -20.35 4.86
N GLN A 403 -0.33 -21.28 5.76
CA GLN A 403 -1.47 -21.08 6.65
C GLN A 403 -1.04 -21.03 8.11
N THR A 404 -1.55 -20.04 8.84
CA THR A 404 -1.45 -20.02 10.28
C THR A 404 -2.52 -20.93 10.86
N THR A 405 -2.28 -21.45 12.07
CA THR A 405 -3.30 -22.26 12.74
C THR A 405 -4.22 -21.41 13.61
N ALA A 406 -4.08 -20.08 13.56
CA ALA A 406 -4.77 -19.19 14.46
C ALA A 406 -6.29 -19.34 14.36
N ARG A 407 -6.94 -19.14 15.52
CA ARG A 407 -8.40 -19.15 15.62
C ARG A 407 -8.98 -20.42 15.01
N ASP A 408 -8.41 -21.56 15.42
CA ASP A 408 -8.96 -22.86 15.12
C ASP A 408 -8.97 -23.13 13.62
N GLY A 409 -7.98 -22.64 12.90
CA GLY A 409 -7.89 -22.84 11.46
C GLY A 409 -8.72 -21.89 10.61
N LEU A 410 -9.40 -20.90 11.20
CA LEU A 410 -10.31 -20.08 10.42
C LEU A 410 -9.59 -19.02 9.59
N LEU A 411 -8.41 -18.58 10.02
CA LEU A 411 -7.77 -17.46 9.32
C LEU A 411 -7.04 -17.89 8.06
N MET A 412 -6.42 -19.08 8.06
CA MET A 412 -5.72 -19.63 6.89
C MET A 412 -4.58 -18.71 6.44
N SER A 413 -4.71 -18.00 5.31
CA SER A 413 -3.66 -17.13 4.78
C SER A 413 -4.15 -15.68 4.70
N PRO A 414 -4.28 -14.99 5.83
CA PRO A 414 -4.90 -13.66 5.82
C PRO A 414 -3.94 -12.55 5.44
N HIS A 415 -4.55 -11.46 4.97
CA HIS A 415 -3.93 -10.18 4.71
C HIS A 415 -2.90 -9.83 5.79
N ALA A 416 -1.72 -9.42 5.34
CA ALA A 416 -0.61 -8.85 6.13
C ALA A 416 0.17 -9.88 6.93
N ILE A 417 -0.25 -11.15 6.93
CA ILE A 417 0.48 -12.15 7.69
C ILE A 417 1.89 -12.33 7.19
N ASP A 418 2.18 -11.92 5.95
CA ASP A 418 3.51 -12.09 5.38
C ASP A 418 4.39 -10.85 5.46
N ILE A 419 3.94 -9.75 6.11
CA ILE A 419 4.84 -8.62 6.33
C ILE A 419 6.10 -9.02 7.09
N PRO A 420 6.02 -9.74 8.22
CA PRO A 420 7.25 -10.16 8.91
C PRO A 420 8.12 -11.09 8.08
N PHE A 421 7.53 -11.86 7.16
CA PHE A 421 8.35 -12.70 6.27
C PHE A 421 9.20 -11.85 5.34
N VAL A 422 8.62 -10.82 4.73
CA VAL A 422 9.40 -10.07 3.74
C VAL A 422 10.35 -9.11 4.44
N LEU A 423 10.00 -8.59 5.62
CA LEU A 423 10.83 -7.58 6.27
C LEU A 423 11.84 -8.16 7.27
N ASP A 424 11.84 -9.47 7.49
CA ASP A 424 12.73 -10.11 8.48
C ASP A 424 12.42 -9.62 9.89
N THR A 425 11.12 -9.62 10.26
CA THR A 425 10.67 -9.18 11.57
C THR A 425 9.80 -10.25 12.26
N VAL A 426 10.07 -11.53 12.01
CA VAL A 426 9.32 -12.59 12.65
C VAL A 426 9.43 -12.50 14.17
N GLY A 427 8.31 -12.69 14.86
CA GLY A 427 8.20 -12.52 16.29
C GLY A 427 7.43 -11.28 16.71
N THR A 428 7.48 -10.23 15.88
CA THR A 428 6.75 -9.01 16.20
C THR A 428 5.24 -9.18 16.10
N GLU A 429 4.77 -10.23 15.39
CA GLU A 429 3.35 -10.50 15.24
C GLU A 429 3.07 -11.86 15.86
N PRO A 430 1.80 -12.26 16.05
CA PRO A 430 1.53 -13.51 16.76
C PRO A 430 2.20 -14.70 16.09
N VAL A 431 2.64 -15.64 16.90
CA VAL A 431 3.16 -16.91 16.44
C VAL A 431 2.42 -18.02 17.18
N GLU A 432 1.79 -18.92 16.43
CA GLU A 432 1.05 -19.97 17.09
C GLU A 432 1.98 -21.11 17.55
N PRO A 433 1.58 -21.84 18.59
CA PRO A 433 2.40 -22.97 19.04
C PRO A 433 2.77 -23.91 17.90
N GLY A 434 4.06 -24.23 17.81
CA GLY A 434 4.55 -25.12 16.78
C GLY A 434 4.77 -24.47 15.42
N GLN A 435 4.63 -23.15 15.30
CA GLN A 435 4.81 -22.48 14.01
C GLN A 435 5.97 -21.49 13.98
N LEU A 436 6.81 -21.40 15.02
CA LEU A 436 7.92 -20.46 14.94
C LEU A 436 8.90 -20.85 13.84
N ALA A 437 9.31 -22.12 13.81
CA ALA A 437 10.20 -22.59 12.75
C ALA A 437 9.56 -22.43 11.36
N GLU A 438 8.25 -22.64 11.27
CA GLU A 438 7.56 -22.41 10.00
C GLU A 438 7.66 -20.96 9.55
N GLN A 439 7.38 -20.02 10.45
CA GLN A 439 7.48 -18.60 10.08
C GLN A 439 8.91 -18.23 9.71
N GLN A 440 9.90 -18.74 10.45
CA GLN A 440 11.29 -18.47 10.09
C GLN A 440 11.63 -19.01 8.71
N ARG A 441 11.01 -20.13 8.31
CA ARG A 441 11.25 -20.70 6.99
C ARG A 441 10.55 -19.88 5.90
N MET A 442 9.36 -19.37 6.22
CA MET A 442 8.65 -18.51 5.29
C MET A 442 9.45 -17.22 5.09
N MET A 443 9.99 -16.66 6.17
CA MET A 443 10.86 -15.49 6.11
C MET A 443 12.07 -15.75 5.23
N GLN A 444 12.77 -16.86 5.46
CA GLN A 444 13.99 -17.12 4.70
C GLN A 444 13.70 -17.12 3.20
N GLN A 445 12.55 -17.66 2.78
CA GLN A 445 12.22 -17.71 1.35
C GLN A 445 11.80 -16.33 0.83
N MET A 446 10.94 -15.64 1.56
CA MET A 446 10.32 -14.44 1.02
C MET A 446 11.25 -13.23 1.17
N ASN A 447 11.88 -13.09 2.34
CA ASN A 447 12.85 -12.03 2.56
C ASN A 447 13.97 -12.11 1.51
N ASN A 448 14.48 -13.32 1.25
CA ASN A 448 15.55 -13.40 0.26
C ASN A 448 15.06 -13.08 -1.14
N ALA A 449 13.78 -13.35 -1.43
CA ALA A 449 13.22 -12.96 -2.72
C ALA A 449 13.13 -11.44 -2.85
N TRP A 450 12.62 -10.78 -1.81
CA TRP A 450 12.53 -9.32 -1.82
C TRP A 450 13.92 -8.69 -1.96
N VAL A 451 14.89 -9.15 -1.16
CA VAL A 451 16.24 -8.60 -1.20
C VAL A 451 16.92 -8.88 -2.53
N SER A 452 16.78 -10.10 -3.07
CA SER A 452 17.43 -10.36 -4.36
C SER A 452 16.81 -9.53 -5.48
N PHE A 453 15.50 -9.32 -5.44
CA PHE A 453 14.86 -8.42 -6.39
C PHE A 453 15.45 -7.02 -6.30
N ALA A 454 15.62 -6.51 -5.07
CA ALA A 454 16.17 -5.17 -4.90
C ALA A 454 17.63 -5.09 -5.32
N ARG A 455 18.42 -6.10 -4.97
CA ARG A 455 19.86 -6.06 -5.24
CA ARG A 455 19.86 -6.08 -5.23
C ARG A 455 20.19 -6.43 -6.67
N ASN A 456 19.57 -7.48 -7.20
CA ASN A 456 20.01 -8.08 -8.46
C ASN A 456 19.03 -7.88 -9.59
N GLY A 457 17.81 -7.45 -9.31
CA GLY A 457 16.78 -7.30 -10.32
C GLY A 457 16.05 -8.58 -10.69
N ASN A 458 16.16 -9.63 -9.86
CA ASN A 458 15.54 -10.93 -10.08
C ASN A 458 15.33 -11.59 -8.72
N PRO A 459 14.12 -12.03 -8.39
CA PRO A 459 13.85 -12.55 -7.03
C PRO A 459 14.40 -13.95 -6.78
N GLN A 460 15.02 -14.60 -7.76
CA GLN A 460 15.47 -15.96 -7.53
C GLN A 460 16.52 -16.02 -6.43
N ASN A 461 16.44 -17.06 -5.60
CA ASN A 461 17.40 -17.24 -4.52
C ASN A 461 17.45 -18.73 -4.17
N LYS A 462 18.46 -19.09 -3.40
CA LYS A 462 18.74 -20.51 -3.18
C LYS A 462 17.70 -21.21 -2.33
N TYR A 463 16.79 -20.47 -1.67
CA TYR A 463 15.77 -21.13 -0.84
C TYR A 463 14.46 -21.41 -1.57
N ILE A 464 14.33 -21.01 -2.83
CA ILE A 464 13.12 -21.30 -3.60
C ILE A 464 13.52 -21.87 -4.95
N PRO A 465 12.59 -22.50 -5.66
CA PRO A 465 12.89 -23.01 -7.01
C PRO A 465 13.04 -21.88 -8.00
N PRO A 466 13.58 -22.16 -9.19
CA PRO A 466 13.56 -21.16 -10.26
C PRO A 466 12.17 -20.57 -10.47
N TRP A 467 12.15 -19.26 -10.74
CA TRP A 467 10.91 -18.48 -10.79
C TRP A 467 10.84 -17.78 -12.14
N GLN A 468 10.02 -18.32 -13.05
CA GLN A 468 9.85 -17.76 -14.39
C GLN A 468 8.98 -16.50 -14.34
N PRO A 469 9.29 -15.49 -15.15
CA PRO A 469 8.44 -14.30 -15.20
C PRO A 469 7.05 -14.63 -15.70
N TYR A 470 6.12 -13.78 -15.30
CA TYR A 470 4.71 -13.94 -15.61
C TYR A 470 4.44 -13.66 -17.09
N ASN A 471 3.40 -14.32 -17.60
CA ASN A 471 2.79 -13.99 -18.88
C ASN A 471 1.28 -14.17 -18.71
N SER A 472 0.51 -13.68 -19.68
N SER A 472 0.50 -13.69 -19.66
CA SER A 472 -0.95 -13.68 -19.56
CA SER A 472 -0.96 -13.72 -19.52
C SER A 472 -1.60 -14.81 -20.35
C SER A 472 -1.61 -14.96 -20.10
N THR A 473 -0.84 -15.82 -20.77
CA THR A 473 -1.41 -17.01 -21.39
C THR A 473 -1.35 -18.22 -20.46
N SER A 474 -0.15 -18.65 -20.06
CA SER A 474 -0.05 -19.75 -19.10
C SER A 474 0.01 -19.27 -17.65
N ARG A 475 0.31 -18.00 -17.42
CA ARG A 475 0.25 -17.38 -16.10
C ARG A 475 1.08 -18.10 -15.03
N PRO A 476 2.37 -18.33 -15.27
CA PRO A 476 3.20 -19.00 -14.25
C PRO A 476 3.32 -18.16 -12.99
N THR A 477 3.11 -18.80 -11.84
CA THR A 477 2.98 -18.14 -10.55
C THR A 477 3.78 -18.88 -9.50
N MET A 478 4.59 -18.16 -8.72
CA MET A 478 5.29 -18.79 -7.60
C MET A 478 4.28 -18.99 -6.47
N ILE A 479 4.13 -20.23 -5.99
CA ILE A 479 3.32 -20.50 -4.81
C ILE A 479 4.26 -20.56 -3.61
N PHE A 480 4.19 -19.57 -2.73
CA PHE A 480 5.00 -19.54 -1.52
C PHE A 480 4.34 -20.39 -0.43
N ASN A 481 5.10 -21.34 0.12
CA ASN A 481 4.65 -22.18 1.22
C ASN A 481 5.90 -22.71 1.90
N LEU A 482 5.75 -23.64 2.86
CA LEU A 482 6.94 -24.15 3.53
C LEU A 482 7.90 -24.75 2.53
N HIS A 483 7.38 -25.36 1.47
CA HIS A 483 8.13 -25.71 0.29
C HIS A 483 7.40 -25.05 -0.87
N SER A 484 8.08 -24.19 -1.60
CA SER A 484 7.47 -23.37 -2.61
C SER A 484 7.59 -24.02 -3.99
N HIS A 485 6.73 -23.61 -4.91
CA HIS A 485 6.76 -24.25 -6.22
C HIS A 485 6.01 -23.39 -7.21
N MET A 486 6.42 -23.48 -8.48
CA MET A 486 5.75 -22.80 -9.58
C MET A 486 4.48 -23.55 -9.97
N ALA A 487 3.42 -22.81 -10.30
CA ALA A 487 2.18 -23.39 -10.81
C ALA A 487 1.66 -22.50 -11.95
N ASN A 488 1.14 -23.12 -13.00
CA ASN A 488 0.57 -22.37 -14.12
C ASN A 488 -0.88 -22.06 -13.81
N ASP A 489 -1.24 -20.79 -13.81
CA ASP A 489 -2.63 -20.34 -13.66
C ASP A 489 -3.33 -20.98 -12.46
N PRO A 490 -2.79 -20.80 -11.25
CA PRO A 490 -3.37 -21.48 -10.08
C PRO A 490 -4.81 -21.05 -9.84
N ASP A 491 -5.69 -22.04 -9.70
CA ASP A 491 -7.13 -21.83 -9.57
C ASP A 491 -7.62 -20.78 -10.56
N GLY A 492 -7.14 -20.91 -11.81
CA GLY A 492 -7.40 -19.91 -12.81
C GLY A 492 -8.86 -19.84 -13.24
N SER A 493 -9.57 -20.98 -13.21
CA SER A 493 -10.97 -20.96 -13.65
C SER A 493 -11.85 -20.15 -12.70
N ASP A 494 -11.45 -20.01 -11.43
CA ASP A 494 -12.17 -19.16 -10.50
C ASP A 494 -12.13 -17.71 -10.96
N LEU A 495 -10.93 -17.20 -11.29
CA LEU A 495 -10.85 -15.82 -11.77
C LEU A 495 -11.53 -15.67 -13.12
N ALA A 496 -11.44 -16.69 -13.97
CA ALA A 496 -12.11 -16.63 -15.27
C ALA A 496 -13.62 -16.46 -15.10
N PHE A 497 -14.20 -17.17 -14.13
CA PHE A 497 -15.63 -17.04 -13.85
C PHE A 497 -15.99 -15.63 -13.42
N LEU A 498 -15.18 -15.03 -12.53
CA LEU A 498 -15.44 -13.66 -12.11
C LEU A 498 -15.28 -12.68 -13.26
N LYS A 499 -14.33 -12.93 -14.16
CA LYS A 499 -14.12 -12.01 -15.28
C LYS A 499 -15.30 -12.01 -16.25
N LYS A 500 -16.02 -13.13 -16.41
CA LYS A 500 -17.26 -13.11 -17.20
C LYS A 500 -18.27 -12.09 -16.70
N ASP A 501 -18.26 -11.82 -15.40
CA ASP A 501 -19.26 -10.93 -14.81
C ASP A 501 -18.72 -9.53 -14.55
N LEU A 502 -17.54 -9.19 -15.10
CA LEU A 502 -16.79 -8.02 -14.63
C LEU A 502 -17.42 -6.70 -15.09
N ALA A 503 -17.88 -6.64 -16.35
CA ALA A 503 -18.51 -5.42 -16.84
C ALA A 503 -19.67 -4.97 -15.95
N ASN A 504 -20.22 -5.86 -15.12
CA ASN A 504 -21.41 -5.59 -14.33
C ASN A 504 -21.16 -5.49 -12.82
N LEU A 505 -19.91 -5.60 -12.36
CA LEU A 505 -19.57 -5.44 -10.95
C LEU A 505 -19.08 -4.01 -10.69
N GLU A 506 -19.21 -3.56 -9.44
CA GLU A 506 -18.64 -2.27 -9.06
C GLU A 506 -17.15 -2.43 -8.86
N VAL A 507 -16.37 -1.72 -9.67
CA VAL A 507 -14.91 -1.81 -9.58
C VAL A 507 -14.30 -0.55 -8.97
N VAL A 508 -14.97 0.59 -9.05
CA VAL A 508 -14.58 1.80 -8.32
C VAL A 508 -15.85 2.64 -8.14
N ALA A 509 -15.94 3.33 -7.02
CA ALA A 509 -17.08 4.20 -6.78
C ALA A 509 -17.20 5.21 -7.91
N GLY A 510 -18.39 5.33 -8.48
CA GLY A 510 -18.63 6.19 -9.61
C GLY A 510 -18.33 5.57 -10.95
N GLY A 511 -17.66 4.43 -11.01
CA GLY A 511 -17.43 3.73 -12.25
C GLY A 511 -16.23 4.26 -13.01
N VAL A 512 -15.91 3.58 -14.10
CA VAL A 512 -14.76 3.86 -14.95
C VAL A 512 -15.26 4.06 -16.37
N THR A 513 -14.87 5.19 -16.98
CA THR A 513 -15.29 5.52 -18.34
C THR A 513 -14.48 4.75 -19.37
N HIS A 514 -15.15 4.28 -20.42
CA HIS A 514 -14.50 3.47 -21.44
C HIS A 514 -14.65 4.08 -22.83
#